data_8WKC
#
_entry.id   8WKC
#
_cell.length_a   125.640
_cell.length_b   47.450
_cell.length_c   98.550
_cell.angle_alpha   90.000
_cell.angle_beta   99.340
_cell.angle_gamma   90.000
#
_symmetry.space_group_name_H-M   'C 1 2 1'
#
loop_
_entity.id
_entity.type
_entity.pdbx_description
1 polymer 'Putative monooxygenase'
2 non-polymer GLYCEROL
3 non-polymer 'FLAVIN-ADENINE DINUCLEOTIDE'
4 non-polymer 'NADP NICOTINAMIDE-ADENINE-DINUCLEOTIDE PHOSPHATE'
5 water water
#
_entity_poly.entity_id   1
_entity_poly.type   'polypeptide(L)'
_entity_poly.pdbx_seq_one_letter_code
;MDGNGASKLDGRKLDVAVIGAGVGGLYALHRVKNELGMNAQGFDDASGVGGTWYWNRYPGCRVDTESTVYTYSFDMDMFQ
NWEWSERYAKQEEVLGYLNAVADKHGLKEAINFNTRIAKMEWQEEARRWRLTTEAGETVTAKYVIEAVGLLSSSYAPQFP
DRDKFKGEVLLASKWPRDEPDLAGKRVGVVGTGSTGIQIITSIADKVGHLHVLQRTPQWVVPLGVGPFPKETREKIKRDP
EGFRDWALSTAAVFGFDESTVSALEVSEAERQRVYEEAWQKGNGFAFMLETFSDIPVTPEANKTATDFIKSKIDSIVKDP
ETARKLTPKEYYAKRPLAADHYYETYNRDNVTLHDVKANPIERFTENGVMVGGEEVELDVLIMATGFDAMTGNYLKIETV
GRDGVRLQDEWSDGPHAYAGMSIANFPNLLMVFGPFSPFTSQPLVHEWQVKFLTNMIQTAEEGEGLIETSREAQEEWVRV
CQEGMAGTLFEVTDSWINGANIPGKPRTSMWFMGGMGGYMEKMNEIKADNYRGFSIR
;
_entity_poly.pdbx_strand_id   A
#
# COMPACT_ATOMS: atom_id res chain seq x y z
N SER A 7 11.04 8.51 32.27
CA SER A 7 11.31 8.61 30.85
C SER A 7 11.62 10.05 30.43
N LYS A 8 12.68 10.25 29.64
CA LYS A 8 12.97 11.60 29.16
C LYS A 8 11.94 12.04 28.12
N LEU A 9 11.33 11.10 27.42
CA LEU A 9 10.22 11.42 26.53
C LEU A 9 8.98 11.87 27.30
N ASP A 10 8.72 11.26 28.45
CA ASP A 10 7.52 11.59 29.22
C ASP A 10 7.53 13.07 29.58
N GLY A 11 6.46 13.77 29.22
CA GLY A 11 6.35 15.19 29.47
C GLY A 11 6.79 16.08 28.34
N ARG A 12 7.28 15.51 27.25
CA ARG A 12 7.81 16.30 26.15
C ARG A 12 6.69 17.09 25.49
N LYS A 13 7.01 18.31 25.08
CA LYS A 13 6.08 19.21 24.42
C LYS A 13 6.63 19.55 23.05
N LEU A 14 5.87 19.23 22.01
CA LEU A 14 6.32 19.41 20.64
C LEU A 14 5.41 20.38 19.91
N ASP A 15 5.93 20.97 18.83
CA ASP A 15 5.06 21.63 17.87
C ASP A 15 4.29 20.59 17.05
N VAL A 16 4.99 19.59 16.54
CA VAL A 16 4.41 18.58 15.66
C VAL A 16 4.90 17.22 16.10
N ALA A 17 3.98 16.26 16.22
CA ALA A 17 4.31 14.85 16.35
C ALA A 17 3.99 14.15 15.05
N VAL A 18 4.96 13.44 14.49
CA VAL A 18 4.78 12.64 13.29
C VAL A 18 4.70 11.18 13.72
N ILE A 19 3.60 10.53 13.43
CA ILE A 19 3.42 9.11 13.77
C ILE A 19 3.76 8.28 12.55
N GLY A 20 4.85 7.53 12.61
CA GLY A 20 5.32 6.68 11.52
C GLY A 20 6.65 7.21 10.99
N ALA A 21 7.57 6.29 10.68
CA ALA A 21 8.85 6.62 10.06
C ALA A 21 9.06 5.79 8.80
N GLY A 22 7.95 5.51 8.10
CA GLY A 22 8.03 5.01 6.74
C GLY A 22 8.16 6.17 5.76
N VAL A 23 7.90 5.86 4.48
CA VAL A 23 8.02 6.86 3.42
C VAL A 23 7.33 8.17 3.80
N GLY A 24 6.10 8.08 4.29
CA GLY A 24 5.35 9.29 4.58
C GLY A 24 5.87 10.04 5.78
N GLY A 25 6.10 9.33 6.89
CA GLY A 25 6.55 10.00 8.10
C GLY A 25 7.93 10.62 7.98
N LEU A 26 8.82 9.98 7.22
CA LEU A 26 10.17 10.53 7.09
C LEU A 26 10.14 11.88 6.39
N TYR A 27 9.39 11.98 5.29
CA TYR A 27 9.34 13.26 4.61
C TYR A 27 8.54 14.28 5.42
N ALA A 28 7.43 13.86 6.03
CA ALA A 28 6.68 14.78 6.89
C ALA A 28 7.58 15.36 7.96
N LEU A 29 8.40 14.51 8.60
CA LEU A 29 9.28 15.01 9.66
C LEU A 29 10.36 15.92 9.09
N HIS A 30 10.98 15.52 7.98
CA HIS A 30 11.96 16.39 7.34
C HIS A 30 11.38 17.76 7.03
N ARG A 31 10.16 17.80 6.48
CA ARG A 31 9.57 19.08 6.10
C ARG A 31 9.33 19.96 7.33
N VAL A 32 8.70 19.41 8.38
CA VAL A 32 8.37 20.30 9.49
C VAL A 32 9.60 20.63 10.33
N LYS A 33 10.54 19.71 10.47
CA LYS A 33 11.69 19.97 11.33
C LYS A 33 12.79 20.71 10.57
N ASN A 34 13.19 20.18 9.43
CA ASN A 34 14.36 20.73 8.73
C ASN A 34 13.99 21.90 7.84
N GLU A 35 12.90 21.78 7.07
CA GLU A 35 12.57 22.83 6.11
C GLU A 35 11.80 23.98 6.74
N LEU A 36 10.93 23.69 7.71
CA LEU A 36 10.08 24.71 8.33
C LEU A 36 10.55 25.12 9.71
N GLY A 37 11.53 24.42 10.29
CA GLY A 37 12.14 24.84 11.53
C GLY A 37 11.29 24.66 12.77
N MET A 38 10.34 23.73 12.73
CA MET A 38 9.45 23.52 13.86
C MET A 38 10.06 22.47 14.80
N ASN A 39 9.62 22.54 16.06
CA ASN A 39 10.06 21.56 17.07
C ASN A 39 9.24 20.30 16.84
N ALA A 40 9.81 19.33 16.13
CA ALA A 40 9.05 18.17 15.71
C ALA A 40 9.86 16.90 15.95
N GLN A 41 9.15 15.83 16.31
CA GLN A 41 9.75 14.52 16.42
C GLN A 41 8.79 13.48 15.85
N GLY A 42 9.38 12.38 15.39
CA GLY A 42 8.62 11.26 14.88
C GLY A 42 8.56 10.15 15.92
N PHE A 43 7.64 9.21 15.67
CA PHE A 43 7.40 8.05 16.53
C PHE A 43 7.17 6.84 15.65
N ASP A 44 7.79 5.71 15.99
CA ASP A 44 7.52 4.50 15.24
C ASP A 44 7.68 3.32 16.18
N ASP A 45 6.78 2.34 16.08
CA ASP A 45 6.97 1.14 16.87
C ASP A 45 8.12 0.28 16.34
N ALA A 46 8.53 0.49 15.10
CA ALA A 46 9.72 -0.18 14.55
C ALA A 46 10.99 0.30 15.26
N SER A 47 12.03 -0.55 15.19
CA SER A 47 13.33 -0.20 15.76
C SER A 47 14.16 0.70 14.84
N GLY A 48 13.75 0.88 13.60
CA GLY A 48 14.44 1.74 12.66
C GLY A 48 13.44 2.25 11.65
N VAL A 49 13.94 3.05 10.70
CA VAL A 49 13.07 3.65 9.70
C VAL A 49 12.69 2.62 8.65
N GLY A 50 11.67 2.96 7.87
CA GLY A 50 11.37 2.21 6.66
C GLY A 50 9.93 1.78 6.51
N GLY A 51 9.22 1.69 7.64
CA GLY A 51 7.82 1.27 7.62
C GLY A 51 7.66 -0.05 6.90
N THR A 52 6.82 -0.06 5.86
CA THR A 52 6.66 -1.19 4.96
C THR A 52 7.95 -1.97 4.71
N TRP A 53 9.01 -1.24 4.37
CA TRP A 53 10.26 -1.86 3.97
C TRP A 53 11.10 -2.33 5.13
N TYR A 54 10.73 -1.94 6.36
CA TYR A 54 11.34 -2.48 7.56
C TYR A 54 10.68 -3.79 7.97
N TRP A 55 9.35 -3.88 7.83
CA TRP A 55 8.58 -5.02 8.29
C TRP A 55 8.50 -6.17 7.29
N ASN A 56 8.30 -5.85 6.01
CA ASN A 56 8.00 -6.87 4.99
C ASN A 56 9.31 -7.44 4.44
N ARG A 57 9.96 -8.29 5.23
CA ARG A 57 11.26 -8.83 4.86
C ARG A 57 11.15 -10.21 4.25
N TYR A 58 9.98 -10.57 3.74
CA TYR A 58 9.74 -11.92 3.26
C TYR A 58 10.49 -12.19 1.97
N PRO A 59 10.64 -13.46 1.59
CA PRO A 59 11.39 -13.81 0.39
C PRO A 59 10.78 -13.19 -0.86
N GLY A 60 11.61 -12.54 -1.66
CA GLY A 60 11.17 -11.98 -2.91
C GLY A 60 10.55 -10.60 -2.81
N CYS A 61 10.46 -10.01 -1.63
CA CYS A 61 9.77 -8.75 -1.51
C CYS A 61 10.46 -7.69 -2.37
N ARG A 62 9.64 -6.97 -3.14
CA ARG A 62 10.13 -6.08 -4.18
C ARG A 62 9.03 -5.11 -4.55
N VAL A 63 9.43 -3.91 -4.94
CA VAL A 63 8.47 -2.92 -5.39
C VAL A 63 7.99 -3.27 -6.81
N ASP A 64 6.73 -2.91 -7.12
CA ASP A 64 6.17 -3.05 -8.46
C ASP A 64 6.16 -1.74 -9.23
N THR A 65 6.59 -0.66 -8.59
CA THR A 65 6.73 0.65 -9.20
C THR A 65 8.20 0.83 -9.57
N GLU A 66 8.47 1.28 -10.79
CA GLU A 66 9.84 1.46 -11.25
C GLU A 66 10.60 2.42 -10.32
N SER A 67 11.90 2.16 -10.13
CA SER A 67 12.74 2.99 -9.27
C SER A 67 12.99 4.39 -9.83
N THR A 68 12.50 4.67 -11.04
CA THR A 68 12.45 6.05 -11.53
C THR A 68 11.39 6.86 -10.81
N VAL A 69 10.34 6.22 -10.30
CA VAL A 69 9.25 6.96 -9.67
C VAL A 69 9.03 6.55 -8.22
N TYR A 70 9.43 5.32 -7.84
CA TYR A 70 9.36 4.93 -6.41
C TYR A 70 10.60 5.44 -5.71
N THR A 71 10.59 6.72 -5.38
CA THR A 71 11.75 7.45 -4.90
C THR A 71 11.26 8.81 -4.44
N TYR A 72 12.04 9.43 -3.57
CA TYR A 72 11.74 10.82 -3.25
C TYR A 72 12.28 11.75 -4.33
N SER A 73 11.56 12.86 -4.55
CA SER A 73 12.06 13.95 -5.36
C SER A 73 12.48 15.16 -4.54
N PHE A 74 12.19 15.19 -3.24
CA PHE A 74 12.44 16.41 -2.48
C PHE A 74 13.93 16.69 -2.34
N ASP A 75 14.76 15.66 -2.39
CA ASP A 75 16.21 15.81 -2.43
C ASP A 75 16.63 15.57 -3.87
N MET A 76 16.82 16.66 -4.62
CA MET A 76 17.03 16.55 -6.05
C MET A 76 18.33 15.82 -6.38
N ASP A 77 19.31 15.88 -5.49
CA ASP A 77 20.54 15.13 -5.71
C ASP A 77 20.27 13.62 -5.70
N MET A 78 19.61 13.13 -4.65
CA MET A 78 19.30 11.71 -4.59
C MET A 78 18.32 11.30 -5.70
N PHE A 79 17.39 12.20 -6.06
CA PHE A 79 16.43 11.89 -7.11
C PHE A 79 17.12 11.63 -8.45
N GLN A 80 18.18 12.38 -8.73
CA GLN A 80 18.86 12.24 -10.01
C GLN A 80 20.06 11.30 -9.95
N ASN A 81 20.63 11.07 -8.78
CA ASN A 81 21.93 10.44 -8.68
C ASN A 81 21.98 9.19 -7.82
N TRP A 82 20.92 8.88 -7.07
CA TRP A 82 20.95 7.64 -6.31
C TRP A 82 21.06 6.47 -7.27
N GLU A 83 22.04 5.60 -7.03
CA GLU A 83 22.35 4.53 -7.97
C GLU A 83 21.49 3.32 -7.65
N TRP A 84 20.22 3.41 -8.03
CA TRP A 84 19.33 2.25 -7.94
C TRP A 84 19.89 1.12 -8.78
N SER A 85 19.91 -0.08 -8.23
CA SER A 85 20.61 -1.19 -8.89
C SER A 85 19.82 -1.82 -10.03
N GLU A 86 18.50 -1.57 -10.12
CA GLU A 86 17.67 -2.25 -11.13
C GLU A 86 16.36 -1.49 -11.28
N ARG A 87 15.53 -1.96 -12.20
CA ARG A 87 14.27 -1.27 -12.50
C ARG A 87 13.31 -1.33 -11.32
N TYR A 88 13.21 -2.50 -10.68
CA TYR A 88 12.28 -2.71 -9.57
C TYR A 88 13.08 -3.11 -8.35
N ALA A 89 13.29 -2.17 -7.43
CA ALA A 89 14.17 -2.40 -6.29
C ALA A 89 13.59 -3.43 -5.31
N LYS A 90 14.47 -4.30 -4.80
CA LYS A 90 14.09 -5.23 -3.76
C LYS A 90 13.99 -4.53 -2.40
N GLN A 91 13.29 -5.19 -1.48
CA GLN A 91 13.04 -4.64 -0.15
C GLN A 91 14.31 -4.13 0.52
N GLU A 92 15.39 -4.91 0.45
CA GLU A 92 16.61 -4.49 1.16
C GLU A 92 17.16 -3.19 0.57
N GLU A 93 17.02 -3.02 -0.75
CA GLU A 93 17.55 -1.83 -1.39
C GLU A 93 16.69 -0.60 -1.07
N VAL A 94 15.36 -0.76 -1.09
CA VAL A 94 14.49 0.34 -0.68
C VAL A 94 14.77 0.73 0.76
N LEU A 95 14.92 -0.27 1.64
CA LEU A 95 15.21 0.02 3.03
C LEU A 95 16.54 0.74 3.17
N GLY A 96 17.54 0.31 2.41
CA GLY A 96 18.83 0.98 2.44
C GLY A 96 18.73 2.43 1.99
N TYR A 97 17.91 2.68 0.97
CA TYR A 97 17.70 4.03 0.49
C TYR A 97 17.02 4.90 1.55
N LEU A 98 15.98 4.38 2.19
CA LEU A 98 15.31 5.17 3.21
C LEU A 98 16.24 5.46 4.38
N ASN A 99 17.09 4.50 4.75
CA ASN A 99 18.08 4.78 5.78
C ASN A 99 19.06 5.85 5.36
N ALA A 100 19.45 5.85 4.08
CA ALA A 100 20.38 6.86 3.59
C ALA A 100 19.74 8.25 3.59
N VAL A 101 18.46 8.33 3.21
CA VAL A 101 17.74 9.61 3.30
C VAL A 101 17.70 10.10 4.74
N ALA A 102 17.32 9.21 5.66
CA ALA A 102 17.23 9.59 7.06
C ALA A 102 18.59 9.98 7.63
N ASP A 103 19.63 9.25 7.23
CA ASP A 103 20.99 9.62 7.63
C ASP A 103 21.37 11.01 7.13
N LYS A 104 21.13 11.25 5.83
CA LYS A 104 21.57 12.51 5.23
C LYS A 104 20.89 13.70 5.87
N HIS A 105 19.63 13.56 6.26
CA HIS A 105 18.85 14.69 6.72
C HIS A 105 18.65 14.69 8.24
N GLY A 106 19.42 13.87 8.95
CA GLY A 106 19.45 13.91 10.40
C GLY A 106 18.12 13.58 11.03
N LEU A 107 17.38 12.64 10.45
CA LEU A 107 16.05 12.36 10.96
C LEU A 107 16.05 11.39 12.14
N LYS A 108 17.03 10.47 12.20
CA LYS A 108 16.97 9.43 13.22
C LYS A 108 17.09 10.00 14.62
N GLU A 109 17.88 11.06 14.78
CA GLU A 109 17.98 11.67 16.10
C GLU A 109 16.68 12.34 16.52
N ALA A 110 15.75 12.56 15.60
CA ALA A 110 14.48 13.18 15.92
C ALA A 110 13.32 12.19 15.92
N ILE A 111 13.60 10.89 15.90
CA ILE A 111 12.56 9.88 15.89
C ILE A 111 12.68 9.03 17.13
N ASN A 112 11.55 8.78 17.77
CA ASN A 112 11.45 7.90 18.93
C ASN A 112 11.07 6.53 18.42
N PHE A 113 12.08 5.68 18.23
CA PHE A 113 11.82 4.34 17.77
C PHE A 113 11.33 3.47 18.92
N ASN A 114 10.80 2.30 18.56
CA ASN A 114 10.26 1.36 19.54
C ASN A 114 9.24 2.05 20.45
N THR A 115 8.50 3.00 19.89
CA THR A 115 7.54 3.80 20.65
C THR A 115 6.22 3.76 19.90
N ARG A 116 5.27 2.97 20.39
CA ARG A 116 3.96 2.89 19.77
C ARG A 116 3.03 3.90 20.43
N ILE A 117 2.33 4.68 19.61
CA ILE A 117 1.33 5.61 20.13
C ILE A 117 0.06 4.81 20.37
N ALA A 118 -0.40 4.78 21.61
CA ALA A 118 -1.62 4.04 21.94
C ALA A 118 -2.87 4.89 21.87
N LYS A 119 -2.76 6.18 22.18
CA LYS A 119 -3.93 7.02 22.32
C LYS A 119 -3.53 8.46 21.99
N MET A 120 -4.43 9.20 21.36
CA MET A 120 -4.27 10.63 21.27
C MET A 120 -5.60 11.31 21.54
N GLU A 121 -5.55 12.39 22.30
CA GLU A 121 -6.75 13.05 22.78
C GLU A 121 -6.61 14.54 22.56
N TRP A 122 -7.64 15.14 21.96
CA TRP A 122 -7.60 16.57 21.66
C TRP A 122 -7.95 17.36 22.90
N GLN A 123 -7.10 18.33 23.23
CA GLN A 123 -7.32 19.24 24.35
C GLN A 123 -7.71 20.59 23.79
N GLU A 124 -9.01 20.89 23.81
CA GLU A 124 -9.51 22.08 23.13
C GLU A 124 -9.00 23.36 23.78
N GLU A 125 -9.03 23.42 25.12
CA GLU A 125 -8.59 24.63 25.81
C GLU A 125 -7.09 24.84 25.66
N ALA A 126 -6.31 23.77 25.74
CA ALA A 126 -4.87 23.87 25.56
C ALA A 126 -4.46 23.99 24.11
N ARG A 127 -5.38 23.67 23.18
CA ARG A 127 -5.08 23.62 21.75
C ARG A 127 -3.89 22.71 21.48
N ARG A 128 -3.94 21.51 22.07
CA ARG A 128 -2.88 20.52 21.92
C ARG A 128 -3.50 19.14 21.80
N TRP A 129 -2.77 18.24 21.12
CA TRP A 129 -3.02 16.82 21.18
C TRP A 129 -2.20 16.23 22.31
N ARG A 130 -2.83 15.41 23.15
CA ARG A 130 -2.14 14.66 24.19
C ARG A 130 -1.98 13.22 23.70
N LEU A 131 -0.74 12.80 23.48
CA LEU A 131 -0.43 11.45 23.04
C LEU A 131 0.04 10.61 24.21
N THR A 132 -0.43 9.36 24.26
CA THR A 132 0.02 8.40 25.26
C THR A 132 0.69 7.24 24.54
N THR A 133 1.93 6.92 24.93
CA THR A 133 2.58 5.77 24.32
C THR A 133 2.13 4.48 24.99
N GLU A 134 2.41 3.34 24.35
CA GLU A 134 2.10 2.06 24.95
C GLU A 134 2.77 1.90 26.31
N ALA A 135 3.93 2.52 26.49
CA ALA A 135 4.62 2.47 27.78
C ALA A 135 4.07 3.47 28.80
N GLY A 136 3.03 4.23 28.47
CA GLY A 136 2.42 5.16 29.40
C GLY A 136 3.02 6.55 29.44
N GLU A 137 3.86 6.91 28.48
CA GLU A 137 4.44 8.24 28.46
C GLU A 137 3.48 9.21 27.80
N THR A 138 3.54 10.47 28.24
CA THR A 138 2.69 11.52 27.71
C THR A 138 3.53 12.50 26.91
N VAL A 139 3.10 12.77 25.69
CA VAL A 139 3.72 13.76 24.82
C VAL A 139 2.59 14.64 24.30
N THR A 140 2.83 15.94 24.21
CA THR A 140 1.85 16.83 23.63
C THR A 140 2.40 17.47 22.37
N ALA A 141 1.49 17.81 21.47
CA ALA A 141 1.88 18.43 20.21
C ALA A 141 0.74 19.33 19.75
N LYS A 142 1.09 20.47 19.16
CA LYS A 142 0.05 21.31 18.59
C LYS A 142 -0.63 20.62 17.41
N TYR A 143 0.16 19.97 16.57
CA TYR A 143 -0.36 19.24 15.41
C TYR A 143 0.19 17.83 15.43
N VAL A 144 -0.63 16.90 14.95
CA VAL A 144 -0.17 15.53 14.75
CA VAL A 144 -0.21 15.52 14.74
C VAL A 144 -0.31 15.22 13.27
N ILE A 145 0.77 14.72 12.68
CA ILE A 145 0.79 14.25 11.30
C ILE A 145 0.84 12.74 11.38
N GLU A 146 -0.25 12.10 10.99
CA GLU A 146 -0.41 10.66 11.14
C GLU A 146 -0.02 10.00 9.83
N ALA A 147 1.07 9.24 9.85
CA ALA A 147 1.57 8.57 8.65
C ALA A 147 1.74 7.08 8.97
N VAL A 148 0.63 6.45 9.38
CA VAL A 148 0.69 5.09 9.90
C VAL A 148 0.49 4.05 8.82
N GLY A 149 0.30 4.46 7.56
CA GLY A 149 0.21 3.52 6.46
C GLY A 149 -1.17 2.95 6.20
N LEU A 150 -1.49 2.73 4.92
CA LEU A 150 -2.74 2.09 4.53
C LEU A 150 -2.63 0.57 4.46
N LEU A 151 -1.41 0.04 4.43
CA LEU A 151 -1.15 -1.38 4.24
C LEU A 151 -0.14 -1.81 5.30
N SER A 152 -0.53 -1.57 6.55
CA SER A 152 0.37 -1.72 7.68
C SER A 152 -0.18 -2.57 8.80
N SER A 153 -1.50 -2.73 8.91
CA SER A 153 -2.09 -3.55 9.94
C SER A 153 -2.27 -4.96 9.38
N SER A 154 -1.41 -5.88 9.82
CA SER A 154 -1.40 -7.21 9.23
C SER A 154 -2.69 -7.96 9.56
N TYR A 155 -3.12 -8.80 8.62
CA TYR A 155 -4.24 -9.70 8.85
C TYR A 155 -3.80 -11.14 8.59
N ALA A 156 -4.21 -12.06 9.45
CA ALA A 156 -4.01 -13.47 9.13
C ALA A 156 -5.12 -14.26 9.80
N PRO A 157 -5.75 -15.20 9.11
CA PRO A 157 -6.72 -16.07 9.77
C PRO A 157 -6.03 -16.91 10.83
N GLN A 158 -6.81 -17.31 11.83
CA GLN A 158 -6.34 -18.17 12.90
C GLN A 158 -7.13 -19.47 12.81
N PHE A 159 -6.52 -20.48 12.21
CA PHE A 159 -7.23 -21.73 12.02
C PHE A 159 -7.27 -22.54 13.33
N PRO A 160 -8.29 -23.37 13.50
CA PRO A 160 -8.40 -24.17 14.73
C PRO A 160 -7.19 -25.06 14.96
N ASP A 161 -6.91 -25.28 16.25
CA ASP A 161 -5.98 -26.31 16.73
C ASP A 161 -4.51 -25.99 16.41
N ARG A 162 -4.19 -24.70 16.29
CA ARG A 162 -2.80 -24.27 16.13
C ARG A 162 -1.89 -24.88 17.20
N ASP A 163 -2.44 -25.13 18.39
CA ASP A 163 -1.66 -25.74 19.47
C ASP A 163 -1.14 -27.12 19.07
N LYS A 164 -1.85 -27.83 18.19
CA LYS A 164 -1.43 -29.18 17.83
C LYS A 164 -0.23 -29.17 16.89
N PHE A 165 -0.07 -28.11 16.12
CA PHE A 165 0.88 -28.10 15.00
C PHE A 165 2.31 -28.01 15.51
N LYS A 166 3.14 -28.96 15.12
CA LYS A 166 4.53 -28.99 15.55
C LYS A 166 5.42 -28.03 14.77
N GLY A 167 4.95 -27.49 13.66
CA GLY A 167 5.77 -26.70 12.78
C GLY A 167 5.72 -25.22 13.09
N GLU A 168 6.15 -24.42 12.13
CA GLU A 168 6.20 -22.98 12.29
C GLU A 168 5.12 -22.32 11.44
N VAL A 169 4.57 -21.24 11.96
CA VAL A 169 3.61 -20.41 11.23
C VAL A 169 4.20 -19.01 11.18
N LEU A 170 4.51 -18.55 9.97
CA LEU A 170 5.18 -17.27 9.76
C LEU A 170 4.23 -16.30 9.08
N LEU A 171 4.35 -15.02 9.44
CA LEU A 171 3.56 -13.94 8.85
C LEU A 171 4.45 -13.16 7.89
N ALA A 172 4.14 -13.21 6.60
CA ALA A 172 5.00 -12.55 5.61
C ALA A 172 5.17 -11.07 5.92
N SER A 173 4.09 -10.40 6.33
CA SER A 173 4.16 -8.95 6.51
C SER A 173 4.88 -8.53 7.78
N LYS A 174 5.14 -9.47 8.69
CA LYS A 174 5.92 -9.23 9.91
C LYS A 174 6.96 -10.34 10.03
N TRP A 175 7.78 -10.45 9.00
CA TRP A 175 8.69 -11.57 8.84
C TRP A 175 9.69 -11.58 9.99
N PRO A 176 10.10 -12.75 10.47
CA PRO A 176 10.98 -12.81 11.65
C PRO A 176 12.31 -12.12 11.40
N ARG A 177 12.86 -11.53 12.46
CA ARG A 177 14.15 -10.87 12.36
C ARG A 177 15.28 -11.89 12.21
N ASP A 178 15.11 -13.09 12.73
CA ASP A 178 16.03 -14.19 12.44
C ASP A 178 15.46 -14.97 11.26
N GLU A 179 16.21 -14.99 10.17
CA GLU A 179 15.68 -15.51 8.91
C GLU A 179 15.35 -16.99 9.04
N PRO A 180 14.15 -17.40 8.66
CA PRO A 180 13.79 -18.83 8.73
C PRO A 180 14.58 -19.68 7.74
N ASP A 181 14.76 -20.94 8.10
CA ASP A 181 15.37 -21.95 7.23
C ASP A 181 14.25 -22.67 6.48
N LEU A 182 14.20 -22.50 5.16
CA LEU A 182 13.19 -23.14 4.33
C LEU A 182 13.75 -24.29 3.50
N ALA A 183 15.06 -24.44 3.46
CA ALA A 183 15.67 -25.41 2.54
C ALA A 183 15.20 -26.82 2.83
N GLY A 184 14.72 -27.50 1.78
CA GLY A 184 14.33 -28.89 1.87
C GLY A 184 13.05 -29.15 2.62
N LYS A 185 12.38 -28.09 3.08
CA LYS A 185 11.22 -28.29 3.92
C LYS A 185 9.95 -28.37 3.09
N ARG A 186 8.90 -28.89 3.72
CA ARG A 186 7.54 -28.84 3.18
C ARG A 186 6.93 -27.53 3.65
N VAL A 187 6.64 -26.65 2.71
CA VAL A 187 6.25 -25.28 3.00
C VAL A 187 4.93 -24.98 2.33
N GLY A 188 3.99 -24.45 3.09
CA GLY A 188 2.72 -23.99 2.57
C GLY A 188 2.71 -22.46 2.55
N VAL A 189 2.11 -21.90 1.51
CA VAL A 189 1.92 -20.46 1.40
C VAL A 189 0.43 -20.20 1.27
N VAL A 190 -0.12 -19.43 2.20
CA VAL A 190 -1.54 -19.07 2.14
C VAL A 190 -1.61 -17.70 1.50
N GLY A 191 -2.10 -17.66 0.27
CA GLY A 191 -2.33 -16.37 -0.36
C GLY A 191 -1.62 -16.26 -1.68
N THR A 192 -2.30 -15.69 -2.68
CA THR A 192 -1.71 -15.51 -4.00
C THR A 192 -1.93 -14.10 -4.51
N GLY A 193 -1.97 -13.12 -3.62
CA GLY A 193 -1.87 -11.73 -3.99
C GLY A 193 -0.42 -11.38 -4.27
N SER A 194 -0.16 -10.07 -4.31
CA SER A 194 1.20 -9.59 -4.58
C SER A 194 2.25 -10.23 -3.67
N THR A 195 1.95 -10.37 -2.37
CA THR A 195 2.95 -10.97 -1.48
C THR A 195 3.17 -12.44 -1.81
N GLY A 196 2.07 -13.19 -1.92
CA GLY A 196 2.18 -14.62 -2.16
C GLY A 196 2.93 -14.95 -3.44
N ILE A 197 2.68 -14.20 -4.51
CA ILE A 197 3.33 -14.58 -5.77
C ILE A 197 4.81 -14.28 -5.72
N GLN A 198 5.21 -13.29 -4.94
CA GLN A 198 6.64 -13.01 -4.76
C GLN A 198 7.30 -14.11 -3.95
N ILE A 199 6.62 -14.59 -2.91
CA ILE A 199 7.18 -15.67 -2.11
C ILE A 199 7.25 -16.94 -2.93
N ILE A 200 6.17 -17.25 -3.66
CA ILE A 200 6.11 -18.47 -4.45
C ILE A 200 7.22 -18.50 -5.48
N THR A 201 7.41 -17.42 -6.22
CA THR A 201 8.45 -17.44 -7.24
C THR A 201 9.85 -17.36 -6.64
N SER A 202 9.99 -16.90 -5.40
CA SER A 202 11.31 -16.82 -4.78
C SER A 202 11.73 -18.15 -4.16
N ILE A 203 10.80 -18.94 -3.61
CA ILE A 203 11.19 -20.09 -2.81
C ILE A 203 10.90 -21.43 -3.47
N ALA A 204 10.22 -21.45 -4.63
CA ALA A 204 9.80 -22.73 -5.19
C ALA A 204 10.99 -23.65 -5.46
N ASP A 205 12.13 -23.09 -5.86
CA ASP A 205 13.26 -23.95 -6.19
C ASP A 205 14.19 -24.17 -5.01
N LYS A 206 13.82 -23.69 -3.82
CA LYS A 206 14.61 -23.89 -2.62
C LYS A 206 13.97 -24.86 -1.62
N VAL A 207 12.65 -24.91 -1.57
CA VAL A 207 11.97 -25.76 -0.60
C VAL A 207 11.94 -27.20 -1.11
N GLY A 208 11.72 -28.14 -0.18
CA GLY A 208 11.52 -29.51 -0.59
C GLY A 208 10.25 -29.69 -1.38
N HIS A 209 9.15 -29.14 -0.87
CA HIS A 209 7.89 -29.13 -1.60
C HIS A 209 7.13 -27.88 -1.21
N LEU A 210 6.52 -27.24 -2.21
CA LEU A 210 5.76 -26.01 -2.01
C LEU A 210 4.29 -26.33 -2.20
N HIS A 211 3.49 -26.06 -1.17
CA HIS A 211 2.05 -26.21 -1.25
C HIS A 211 1.44 -24.83 -1.30
N VAL A 212 0.89 -24.46 -2.45
CA VAL A 212 0.26 -23.17 -2.60
C VAL A 212 -1.21 -23.33 -2.22
N LEU A 213 -1.63 -22.65 -1.16
CA LEU A 213 -2.99 -22.76 -0.66
C LEU A 213 -3.72 -21.51 -1.16
N GLN A 214 -4.42 -21.67 -2.27
CA GLN A 214 -4.96 -20.54 -3.03
C GLN A 214 -6.47 -20.49 -2.87
N ARG A 215 -6.97 -19.44 -2.20
CA ARG A 215 -8.41 -19.31 -2.10
C ARG A 215 -9.01 -18.75 -3.39
N THR A 216 -8.31 -17.82 -4.03
CA THR A 216 -8.81 -17.14 -5.23
C THR A 216 -7.62 -16.78 -6.12
N PRO A 217 -7.52 -17.35 -7.33
CA PRO A 217 -6.46 -16.90 -8.24
C PRO A 217 -6.74 -15.51 -8.75
N GLN A 218 -5.67 -14.79 -9.09
CA GLN A 218 -5.77 -13.48 -9.71
C GLN A 218 -5.04 -13.48 -11.05
N TRP A 219 -5.24 -12.39 -11.80
CA TRP A 219 -4.77 -12.29 -13.18
C TRP A 219 -3.35 -11.73 -13.20
N VAL A 220 -2.37 -12.61 -13.04
CA VAL A 220 -0.96 -12.21 -12.97
C VAL A 220 -0.39 -12.00 -14.36
N VAL A 221 0.43 -10.95 -14.51
CA VAL A 221 1.16 -10.70 -15.75
C VAL A 221 2.65 -10.60 -15.40
N PRO A 222 3.54 -10.59 -16.39
CA PRO A 222 4.98 -10.48 -16.09
C PRO A 222 5.28 -9.12 -15.48
N LEU A 223 6.31 -9.09 -14.63
CA LEU A 223 6.79 -7.83 -14.07
C LEU A 223 7.81 -7.17 -14.99
N GLY A 224 8.68 -7.96 -15.61
CA GLY A 224 9.71 -7.38 -16.45
C GLY A 224 10.90 -6.91 -15.64
N VAL A 225 11.36 -7.77 -14.72
CA VAL A 225 12.57 -7.48 -13.96
C VAL A 225 13.73 -7.26 -14.92
N GLY A 226 14.52 -6.22 -14.67
CA GLY A 226 15.61 -5.89 -15.56
C GLY A 226 16.42 -4.72 -15.04
N PRO A 227 17.35 -4.25 -15.86
CA PRO A 227 18.24 -3.17 -15.43
C PRO A 227 17.50 -1.86 -15.25
N PHE A 228 18.12 -0.97 -14.48
CA PHE A 228 17.58 0.37 -14.33
C PHE A 228 17.48 1.04 -15.69
N PRO A 229 16.36 1.69 -16.01
CA PRO A 229 16.24 2.34 -17.33
C PRO A 229 17.11 3.58 -17.45
N LYS A 230 18.35 3.40 -17.92
CA LYS A 230 19.27 4.52 -18.06
C LYS A 230 18.68 5.66 -18.87
N GLU A 231 17.86 5.35 -19.87
CA GLU A 231 17.31 6.37 -20.76
C GLU A 231 16.28 7.24 -20.04
N THR A 232 15.47 6.66 -19.17
CA THR A 232 14.57 7.48 -18.37
C THR A 232 15.36 8.39 -17.44
N ARG A 233 16.43 7.89 -16.86
CA ARG A 233 17.23 8.72 -15.96
C ARG A 233 17.91 9.86 -16.72
N GLU A 234 18.26 9.64 -17.99
CA GLU A 234 18.78 10.75 -18.79
C GLU A 234 17.69 11.78 -19.06
N LYS A 235 16.47 11.30 -19.33
CA LYS A 235 15.34 12.20 -19.50
C LYS A 235 15.09 13.02 -18.24
N ILE A 236 15.22 12.37 -17.08
CA ILE A 236 15.01 13.06 -15.81
C ILE A 236 16.02 14.19 -15.65
N LYS A 237 17.30 13.89 -15.93
CA LYS A 237 18.36 14.86 -15.66
C LYS A 237 18.23 16.11 -16.52
N ARG A 238 17.61 16.02 -17.70
CA ARG A 238 17.31 17.23 -18.45
C ARG A 238 16.44 18.17 -17.64
N ASP A 239 15.49 17.61 -16.86
CA ASP A 239 14.45 18.38 -16.20
C ASP A 239 13.82 17.54 -15.11
N PRO A 240 14.48 17.41 -13.95
CA PRO A 240 13.92 16.53 -12.90
C PRO A 240 12.62 17.04 -12.34
N GLU A 241 12.45 18.36 -12.21
CA GLU A 241 11.16 18.89 -11.77
C GLU A 241 10.09 18.60 -12.81
N GLY A 242 10.42 18.76 -14.09
CA GLY A 242 9.46 18.45 -15.14
C GLY A 242 9.06 16.98 -15.16
N PHE A 243 10.01 16.09 -14.88
CA PHE A 243 9.68 14.67 -14.81
C PHE A 243 8.77 14.39 -13.63
N ARG A 244 9.12 14.91 -12.45
CA ARG A 244 8.27 14.77 -11.27
C ARG A 244 6.86 15.28 -11.58
N ASP A 245 6.78 16.49 -12.14
CA ASP A 245 5.49 17.09 -12.42
C ASP A 245 4.73 16.29 -13.47
N TRP A 246 5.43 15.75 -14.48
CA TRP A 246 4.74 14.90 -15.43
C TRP A 246 4.16 13.67 -14.74
N ALA A 247 4.96 13.01 -13.91
CA ALA A 247 4.48 11.80 -13.24
C ALA A 247 3.24 12.12 -12.40
N LEU A 248 3.27 13.24 -11.68
CA LEU A 248 2.12 13.60 -10.85
C LEU A 248 0.89 13.92 -11.68
N SER A 249 1.08 14.36 -12.94
CA SER A 249 -0.04 14.69 -13.81
C SER A 249 -0.75 13.45 -14.35
N THR A 250 -0.13 12.28 -14.24
CA THR A 250 -0.77 11.06 -14.71
C THR A 250 -1.77 10.59 -13.67
N ALA A 251 -2.54 9.57 -14.01
CA ALA A 251 -3.56 9.10 -13.06
C ALA A 251 -2.93 8.26 -11.95
N ALA A 252 -2.08 7.30 -12.30
CA ALA A 252 -1.56 6.35 -11.33
C ALA A 252 -0.17 6.70 -10.81
N VAL A 253 0.57 7.58 -11.49
CA VAL A 253 1.93 7.95 -11.11
C VAL A 253 2.79 6.69 -11.08
N PHE A 254 2.66 5.86 -12.11
CA PHE A 254 3.46 4.64 -12.17
C PHE A 254 4.54 4.72 -13.24
N GLY A 255 4.75 5.88 -13.85
CA GLY A 255 5.82 6.05 -14.81
C GLY A 255 5.40 5.90 -16.24
N PHE A 256 4.11 5.94 -16.54
CA PHE A 256 3.63 5.91 -17.91
C PHE A 256 2.39 6.78 -18.01
N ASP A 257 2.06 7.16 -19.25
CA ASP A 257 0.81 7.85 -19.54
C ASP A 257 -0.30 6.82 -19.73
N GLU A 258 -1.40 6.99 -19.00
CA GLU A 258 -2.51 6.06 -19.16
C GLU A 258 -3.08 6.16 -20.57
N SER A 259 -3.56 5.02 -21.09
CA SER A 259 -4.15 5.02 -22.41
C SER A 259 -5.45 5.82 -22.43
N THR A 260 -5.70 6.48 -23.57
CA THR A 260 -6.97 7.13 -23.83
C THR A 260 -7.78 6.42 -24.92
N VAL A 261 -7.40 5.20 -25.28
CA VAL A 261 -8.01 4.45 -26.38
C VAL A 261 -8.86 3.33 -25.79
N SER A 262 -10.12 3.25 -26.20
CA SER A 262 -10.97 2.15 -25.74
C SER A 262 -10.57 0.84 -26.40
N ALA A 263 -10.54 -0.24 -25.60
CA ALA A 263 -10.26 -1.56 -26.17
C ALA A 263 -11.29 -1.93 -27.22
N LEU A 264 -12.49 -1.36 -27.14
CA LEU A 264 -13.56 -1.76 -28.03
C LEU A 264 -13.62 -0.93 -29.31
N GLU A 265 -12.81 0.12 -29.44
CA GLU A 265 -12.83 0.96 -30.63
C GLU A 265 -11.68 0.65 -31.58
N VAL A 266 -10.90 -0.40 -31.31
CA VAL A 266 -9.83 -0.79 -32.21
C VAL A 266 -10.11 -2.19 -32.73
N SER A 267 -9.34 -2.58 -33.74
CA SER A 267 -9.49 -3.90 -34.35
C SER A 267 -8.98 -4.99 -33.40
N GLU A 268 -9.37 -6.22 -33.71
CA GLU A 268 -8.86 -7.35 -32.94
C GLU A 268 -7.35 -7.44 -33.03
N ALA A 269 -6.80 -7.18 -34.23
CA ALA A 269 -5.35 -7.24 -34.40
C ALA A 269 -4.65 -6.22 -33.52
N GLU A 270 -5.27 -5.05 -33.34
CA GLU A 270 -4.65 -4.04 -32.50
C GLU A 270 -4.74 -4.43 -31.03
N ARG A 271 -5.86 -5.01 -30.59
CA ARG A 271 -5.90 -5.53 -29.22
C ARG A 271 -4.80 -6.54 -28.98
N GLN A 272 -4.61 -7.47 -29.93
CA GLN A 272 -3.55 -8.46 -29.75
C GLN A 272 -2.17 -7.83 -29.74
N ARG A 273 -1.96 -6.83 -30.60
CA ARG A 273 -0.66 -6.17 -30.66
C ARG A 273 -0.38 -5.45 -29.34
N VAL A 274 -1.37 -4.73 -28.84
CA VAL A 274 -1.19 -3.93 -27.64
C VAL A 274 -0.95 -4.83 -26.44
N TYR A 275 -1.76 -5.87 -26.27
CA TYR A 275 -1.60 -6.73 -25.11
C TYR A 275 -0.29 -7.51 -25.16
N GLU A 276 0.12 -7.97 -26.36
CA GLU A 276 1.39 -8.68 -26.45
C GLU A 276 2.56 -7.75 -26.12
N GLU A 277 2.49 -6.50 -26.60
CA GLU A 277 3.54 -5.54 -26.27
C GLU A 277 3.59 -5.29 -24.77
N ALA A 278 2.42 -5.15 -24.13
CA ALA A 278 2.39 -4.91 -22.70
C ALA A 278 2.85 -6.13 -21.92
N TRP A 279 2.50 -7.33 -22.41
CA TRP A 279 2.95 -8.56 -21.77
C TRP A 279 4.47 -8.65 -21.76
N GLN A 280 5.10 -8.32 -22.89
CA GLN A 280 6.55 -8.40 -22.95
C GLN A 280 7.22 -7.29 -22.15
N LYS A 281 6.59 -6.10 -22.09
CA LYS A 281 7.15 -5.02 -21.30
C LYS A 281 7.05 -5.34 -19.82
N GLY A 282 5.92 -5.90 -19.40
CA GLY A 282 5.68 -6.23 -18.01
C GLY A 282 5.05 -5.08 -17.26
N ASN A 283 4.61 -5.41 -16.04
CA ASN A 283 4.08 -4.52 -15.01
C ASN A 283 2.55 -4.56 -15.05
N GLY A 284 1.96 -4.84 -13.89
CA GLY A 284 0.52 -5.04 -13.83
C GLY A 284 -0.25 -3.75 -14.02
N PHE A 285 0.23 -2.65 -13.43
CA PHE A 285 -0.46 -1.39 -13.63
C PHE A 285 -0.42 -0.98 -15.09
N ALA A 286 0.71 -1.19 -15.75
CA ALA A 286 0.79 -0.87 -17.17
C ALA A 286 -0.15 -1.74 -17.99
N PHE A 287 -0.23 -3.04 -17.66
CA PHE A 287 -1.11 -3.92 -18.43
C PHE A 287 -2.57 -3.50 -18.29
N MET A 288 -2.95 -3.03 -17.10
CA MET A 288 -4.34 -2.65 -16.88
C MET A 288 -4.64 -1.24 -17.39
N LEU A 289 -3.66 -0.33 -17.40
CA LEU A 289 -3.96 1.08 -17.63
C LEU A 289 -3.24 1.71 -18.82
N GLU A 290 -2.08 1.19 -19.22
CA GLU A 290 -1.34 1.78 -20.34
C GLU A 290 -1.79 1.22 -21.68
N THR A 291 -2.55 0.13 -21.66
CA THR A 291 -3.00 -0.55 -22.87
C THR A 291 -4.24 0.13 -23.44
N PHE A 292 -5.34 0.04 -22.72
CA PHE A 292 -6.61 0.65 -23.12
C PHE A 292 -7.20 1.35 -21.91
N SER A 293 -8.19 2.20 -22.18
CA SER A 293 -8.70 3.10 -21.17
C SER A 293 -9.84 2.51 -20.35
N ASP A 294 -10.43 1.41 -20.79
CA ASP A 294 -11.70 0.98 -20.22
C ASP A 294 -11.65 -0.40 -19.63
N ILE A 295 -10.45 -0.94 -19.41
CA ILE A 295 -10.33 -2.32 -18.94
C ILE A 295 -11.01 -2.53 -17.60
N PRO A 296 -10.82 -1.69 -16.58
CA PRO A 296 -11.54 -1.91 -15.32
C PRO A 296 -12.91 -1.24 -15.30
N VAL A 297 -13.47 -0.86 -16.44
CA VAL A 297 -14.72 -0.12 -16.50
C VAL A 297 -15.87 -0.98 -17.04
N THR A 298 -15.63 -1.67 -18.16
CA THR A 298 -16.74 -2.45 -18.68
C THR A 298 -16.39 -3.93 -18.75
N PRO A 299 -17.35 -4.81 -18.50
CA PRO A 299 -17.06 -6.25 -18.65
C PRO A 299 -16.52 -6.61 -20.02
N GLU A 300 -17.05 -6.00 -21.08
CA GLU A 300 -16.60 -6.35 -22.43
C GLU A 300 -15.13 -5.98 -22.63
N ALA A 301 -14.71 -4.79 -22.19
CA ALA A 301 -13.30 -4.43 -22.30
C ALA A 301 -12.44 -5.27 -21.37
N ASN A 302 -12.93 -5.51 -20.15
CA ASN A 302 -12.19 -6.33 -19.20
C ASN A 302 -11.90 -7.71 -19.78
N LYS A 303 -12.87 -8.27 -20.49
CA LYS A 303 -12.75 -9.61 -21.05
C LYS A 303 -11.68 -9.66 -22.14
N THR A 304 -11.45 -8.57 -22.86
CA THR A 304 -10.38 -8.63 -23.86
C THR A 304 -9.05 -8.84 -23.17
N ALA A 305 -8.85 -8.23 -22.01
CA ALA A 305 -7.60 -8.39 -21.26
C ALA A 305 -7.51 -9.77 -20.62
N THR A 306 -8.59 -10.22 -19.99
CA THR A 306 -8.51 -11.51 -19.31
C THR A 306 -8.47 -12.65 -20.31
N ASP A 307 -9.17 -12.53 -21.44
CA ASP A 307 -9.03 -13.57 -22.48
C ASP A 307 -7.59 -13.69 -22.91
N PHE A 308 -6.88 -12.56 -23.00
CA PHE A 308 -5.48 -12.60 -23.40
C PHE A 308 -4.63 -13.31 -22.36
N ILE A 309 -4.82 -12.94 -21.08
CA ILE A 309 -4.04 -13.59 -20.02
C ILE A 309 -4.39 -15.06 -19.93
N LYS A 310 -5.67 -15.40 -20.08
CA LYS A 310 -6.08 -16.80 -20.03
C LYS A 310 -5.40 -17.61 -21.11
N SER A 311 -5.25 -17.04 -22.32
CA SER A 311 -4.58 -17.78 -23.37
C SER A 311 -3.12 -18.00 -23.02
N LYS A 312 -2.49 -17.04 -22.33
CA LYS A 312 -1.13 -17.25 -21.86
C LYS A 312 -1.07 -18.38 -20.82
N ILE A 313 -1.94 -18.34 -19.82
CA ILE A 313 -1.99 -19.40 -18.81
C ILE A 313 -2.11 -20.77 -19.48
N ASP A 314 -3.08 -20.90 -20.38
CA ASP A 314 -3.31 -22.18 -21.05
C ASP A 314 -2.10 -22.67 -21.82
N SER A 315 -1.33 -21.75 -22.40
CA SER A 315 -0.16 -22.15 -23.18
C SER A 315 1.05 -22.44 -22.30
N ILE A 316 1.11 -21.89 -21.10
CA ILE A 316 2.27 -22.05 -20.23
C ILE A 316 2.15 -23.28 -19.35
N VAL A 317 0.97 -23.47 -18.75
CA VAL A 317 0.79 -24.48 -17.72
C VAL A 317 0.52 -25.84 -18.38
N LYS A 318 1.36 -26.82 -18.09
CA LYS A 318 1.30 -28.09 -18.82
C LYS A 318 0.04 -28.88 -18.47
N ASP A 319 -0.33 -28.91 -17.18
CA ASP A 319 -1.48 -29.70 -16.74
C ASP A 319 -2.76 -28.89 -16.91
N PRO A 320 -3.69 -29.33 -17.76
CA PRO A 320 -4.90 -28.51 -17.97
C PRO A 320 -5.70 -28.23 -16.71
N GLU A 321 -5.82 -29.19 -15.80
CA GLU A 321 -6.60 -28.92 -14.59
C GLU A 321 -5.92 -27.85 -13.74
N THR A 322 -4.58 -27.84 -13.71
CA THR A 322 -3.86 -26.80 -13.00
C THR A 322 -4.06 -25.44 -13.65
N ALA A 323 -4.05 -25.40 -14.99
CA ALA A 323 -4.33 -24.16 -15.70
C ALA A 323 -5.71 -23.63 -15.33
N ARG A 324 -6.71 -24.50 -15.24
CA ARG A 324 -8.04 -24.03 -14.88
C ARG A 324 -8.06 -23.52 -13.45
N LYS A 325 -7.35 -24.18 -12.53
CA LYS A 325 -7.31 -23.72 -11.15
C LYS A 325 -6.60 -22.38 -11.03
N LEU A 326 -5.73 -22.03 -11.96
CA LEU A 326 -5.06 -20.74 -11.95
C LEU A 326 -5.87 -19.65 -12.64
N THR A 327 -7.03 -19.98 -13.22
CA THR A 327 -7.79 -19.03 -14.01
C THR A 327 -8.88 -18.41 -13.16
N PRO A 328 -8.85 -17.11 -12.90
CA PRO A 328 -9.87 -16.51 -12.04
C PRO A 328 -11.24 -16.49 -12.70
N LYS A 329 -12.27 -16.48 -11.86
CA LYS A 329 -13.64 -16.23 -12.28
C LYS A 329 -14.03 -14.77 -12.14
N GLU A 330 -13.25 -13.98 -11.41
CA GLU A 330 -13.57 -12.59 -11.14
C GLU A 330 -13.06 -11.71 -12.27
N TYR A 331 -13.56 -10.48 -12.32
CA TYR A 331 -13.01 -9.49 -13.23
C TYR A 331 -11.57 -9.18 -12.88
N TYR A 332 -10.84 -8.67 -13.86
CA TYR A 332 -9.54 -8.04 -13.65
C TYR A 332 -9.83 -6.67 -13.05
N ALA A 333 -10.06 -6.67 -11.74
CA ALA A 333 -10.52 -5.46 -11.05
C ALA A 333 -10.10 -5.54 -9.58
N LYS A 334 -8.85 -5.93 -9.36
CA LYS A 334 -8.17 -5.87 -8.08
C LYS A 334 -6.87 -5.11 -8.32
N ARG A 335 -6.12 -4.87 -7.25
CA ARG A 335 -4.79 -4.30 -7.44
C ARG A 335 -4.02 -5.18 -8.42
N PRO A 336 -3.58 -4.65 -9.56
CA PRO A 336 -2.98 -5.53 -10.59
C PRO A 336 -1.67 -6.11 -10.11
N LEU A 337 -1.48 -7.40 -10.37
CA LEU A 337 -0.35 -8.18 -9.88
C LEU A 337 0.63 -8.44 -11.00
N ALA A 338 1.90 -8.55 -10.65
CA ALA A 338 2.89 -8.92 -11.64
C ALA A 338 4.07 -9.60 -10.99
N ALA A 339 4.58 -10.62 -11.65
CA ALA A 339 5.77 -11.34 -11.21
C ALA A 339 6.27 -12.13 -12.39
N ASP A 340 7.59 -12.27 -12.49
CA ASP A 340 8.14 -13.03 -13.60
C ASP A 340 8.11 -14.53 -13.33
N HIS A 341 8.01 -15.30 -14.41
CA HIS A 341 8.02 -16.77 -14.36
C HIS A 341 6.99 -17.30 -13.35
N TYR A 342 5.82 -16.66 -13.29
CA TYR A 342 4.85 -17.06 -12.26
C TYR A 342 4.15 -18.38 -12.63
N TYR A 343 3.46 -18.42 -13.77
CA TYR A 343 2.67 -19.61 -14.06
C TYR A 343 3.56 -20.82 -14.31
N GLU A 344 4.79 -20.59 -14.79
CA GLU A 344 5.74 -21.68 -15.00
C GLU A 344 6.07 -22.40 -13.71
N THR A 345 5.94 -21.70 -12.57
CA THR A 345 6.23 -22.33 -11.28
C THR A 345 5.41 -23.59 -11.08
N TYR A 346 4.19 -23.61 -11.60
CA TYR A 346 3.27 -24.71 -11.36
C TYR A 346 3.56 -25.91 -12.23
N ASN A 347 4.54 -25.81 -13.11
CA ASN A 347 5.04 -26.94 -13.88
C ASN A 347 6.13 -27.72 -13.14
N ARG A 348 6.57 -27.23 -11.99
CA ARG A 348 7.64 -27.88 -11.25
C ARG A 348 7.14 -29.15 -10.58
N ASP A 349 8.03 -30.14 -10.43
CA ASP A 349 7.62 -31.38 -9.80
C ASP A 349 7.50 -31.26 -8.28
N ASN A 350 7.87 -30.12 -7.70
CA ASN A 350 7.80 -29.96 -6.25
C ASN A 350 6.82 -28.87 -5.85
N VAL A 351 5.85 -28.55 -6.70
CA VAL A 351 4.86 -27.53 -6.40
C VAL A 351 3.48 -28.13 -6.58
N THR A 352 2.63 -27.97 -5.57
CA THR A 352 1.24 -28.42 -5.62
C THR A 352 0.34 -27.22 -5.36
N LEU A 353 -0.61 -27.00 -6.26
CA LEU A 353 -1.60 -25.95 -6.12
C LEU A 353 -2.87 -26.55 -5.51
N HIS A 354 -3.34 -25.94 -4.42
CA HIS A 354 -4.57 -26.35 -3.75
C HIS A 354 -5.60 -25.23 -3.88
N ASP A 355 -6.77 -25.56 -4.39
CA ASP A 355 -7.89 -24.62 -4.41
C ASP A 355 -8.56 -24.72 -3.04
N VAL A 356 -8.28 -23.77 -2.15
CA VAL A 356 -8.82 -23.83 -0.81
C VAL A 356 -10.10 -23.02 -0.67
N LYS A 357 -10.72 -22.64 -1.78
CA LYS A 357 -12.14 -22.32 -1.73
C LYS A 357 -12.98 -23.58 -1.85
N ALA A 358 -12.64 -24.44 -2.82
CA ALA A 358 -13.30 -25.73 -2.97
C ALA A 358 -12.92 -26.72 -1.88
N ASN A 359 -11.68 -26.63 -1.39
CA ASN A 359 -11.14 -27.51 -0.35
C ASN A 359 -10.62 -26.65 0.78
N PRO A 360 -11.50 -26.18 1.66
CA PRO A 360 -11.09 -25.17 2.65
C PRO A 360 -10.07 -25.71 3.63
N ILE A 361 -9.22 -24.80 4.10
CA ILE A 361 -8.33 -25.09 5.22
C ILE A 361 -9.20 -25.23 6.45
N GLU A 362 -9.27 -26.44 6.99
CA GLU A 362 -10.25 -26.72 8.03
C GLU A 362 -9.68 -26.55 9.43
N ARG A 363 -8.43 -26.94 9.65
CA ARG A 363 -7.80 -26.93 10.96
C ARG A 363 -6.34 -27.36 10.83
N PHE A 364 -5.57 -27.06 11.87
CA PHE A 364 -4.24 -27.63 11.99
C PHE A 364 -4.31 -29.07 12.49
N THR A 365 -3.31 -29.85 12.10
CA THR A 365 -3.02 -31.15 12.68
C THR A 365 -1.64 -31.09 13.30
N GLU A 366 -1.23 -32.20 13.92
CA GLU A 366 0.10 -32.24 14.51
C GLU A 366 1.18 -32.01 13.45
N ASN A 367 0.99 -32.56 12.25
CA ASN A 367 2.03 -32.55 11.22
C ASN A 367 1.72 -31.63 10.05
N GLY A 368 0.64 -30.85 10.11
CA GLY A 368 0.33 -29.99 9.00
C GLY A 368 -1.03 -29.34 9.11
N VAL A 369 -1.77 -29.35 8.01
CA VAL A 369 -3.06 -28.68 7.93
C VAL A 369 -4.04 -29.61 7.22
N MET A 370 -5.29 -29.60 7.67
CA MET A 370 -6.37 -30.33 7.01
C MET A 370 -6.95 -29.44 5.92
N VAL A 371 -6.95 -29.94 4.68
CA VAL A 371 -7.41 -29.18 3.51
C VAL A 371 -8.44 -30.03 2.79
N GLY A 372 -9.70 -29.60 2.82
CA GLY A 372 -10.76 -30.35 2.15
C GLY A 372 -10.77 -31.83 2.49
N GLY A 373 -10.52 -32.17 3.74
CA GLY A 373 -10.61 -33.54 4.19
C GLY A 373 -9.33 -34.36 4.09
N GLU A 374 -8.28 -33.82 3.48
CA GLU A 374 -7.01 -34.54 3.43
C GLU A 374 -5.93 -33.75 4.13
N GLU A 375 -5.05 -34.45 4.84
CA GLU A 375 -3.98 -33.79 5.55
C GLU A 375 -2.87 -33.42 4.57
N VAL A 376 -2.38 -32.20 4.67
CA VAL A 376 -1.21 -31.74 3.94
C VAL A 376 -0.10 -31.55 4.97
N GLU A 377 0.91 -32.42 4.95
CA GLU A 377 1.99 -32.34 5.92
C GLU A 377 2.89 -31.16 5.60
N LEU A 378 3.13 -30.30 6.61
CA LEU A 378 3.93 -29.10 6.45
C LEU A 378 4.93 -28.96 7.59
N ASP A 379 6.13 -28.48 7.25
CA ASP A 379 7.08 -27.97 8.24
C ASP A 379 6.82 -26.52 8.58
N VAL A 380 6.42 -25.74 7.58
CA VAL A 380 6.28 -24.30 7.69
C VAL A 380 5.01 -23.89 6.96
N LEU A 381 4.24 -23.01 7.57
CA LEU A 381 3.08 -22.40 6.92
C LEU A 381 3.30 -20.90 6.90
N ILE A 382 3.34 -20.31 5.72
CA ILE A 382 3.56 -18.87 5.56
C ILE A 382 2.23 -18.20 5.25
N MET A 383 1.85 -17.23 6.07
CA MET A 383 0.64 -16.45 5.87
C MET A 383 0.99 -15.24 5.00
N ALA A 384 0.48 -15.25 3.76
CA ALA A 384 0.64 -14.11 2.85
C ALA A 384 -0.75 -13.51 2.66
N THR A 385 -1.39 -13.16 3.78
CA THR A 385 -2.83 -12.93 3.77
C THR A 385 -3.20 -11.46 3.83
N GLY A 386 -2.26 -10.56 3.70
CA GLY A 386 -2.64 -9.17 3.46
C GLY A 386 -2.88 -8.36 4.72
N PHE A 387 -3.75 -7.36 4.59
CA PHE A 387 -3.84 -6.30 5.59
C PHE A 387 -5.29 -5.92 5.85
N ASP A 388 -5.54 -5.49 7.09
CA ASP A 388 -6.74 -4.74 7.43
C ASP A 388 -6.52 -3.34 6.86
N ALA A 389 -6.76 -3.20 5.57
CA ALA A 389 -6.24 -2.08 4.81
C ALA A 389 -7.04 -0.80 5.06
N MET A 390 -6.36 0.31 4.81
CA MET A 390 -6.92 1.66 4.87
C MET A 390 -7.07 2.08 6.32
N THR A 391 -7.99 1.45 7.05
CA THR A 391 -8.36 1.93 8.37
C THR A 391 -7.67 1.20 9.52
N GLY A 392 -7.01 0.08 9.25
CA GLY A 392 -6.55 -0.79 10.33
C GLY A 392 -5.70 -0.10 11.36
N ASN A 393 -4.64 0.59 10.92
CA ASN A 393 -3.74 1.17 11.91
C ASN A 393 -4.24 2.51 12.43
N TYR A 394 -5.10 3.21 11.69
CA TYR A 394 -5.74 4.38 12.27
C TYR A 394 -6.59 3.99 13.46
N LEU A 395 -7.35 2.91 13.33
CA LEU A 395 -8.27 2.55 14.40
C LEU A 395 -7.57 1.83 15.55
N LYS A 396 -6.31 1.45 15.39
CA LYS A 396 -5.56 0.90 16.52
C LYS A 396 -5.08 1.97 17.48
N ILE A 397 -5.09 3.24 17.08
CA ILE A 397 -4.84 4.33 18.01
C ILE A 397 -6.17 4.84 18.51
N GLU A 398 -6.41 4.73 19.81
CA GLU A 398 -7.61 5.34 20.38
C GLU A 398 -7.52 6.84 20.17
N THR A 399 -8.45 7.39 19.39
CA THR A 399 -8.33 8.76 18.90
C THR A 399 -9.57 9.53 19.29
N VAL A 400 -9.38 10.56 20.13
CA VAL A 400 -10.49 11.27 20.77
C VAL A 400 -10.42 12.71 20.34
N GLY A 401 -11.45 13.18 19.65
CA GLY A 401 -11.48 14.51 19.08
C GLY A 401 -12.32 15.47 19.88
N ARG A 402 -12.87 16.47 19.19
CA ARG A 402 -13.68 17.49 19.84
C ARG A 402 -14.83 16.88 20.63
N ASP A 403 -15.01 17.37 21.86
CA ASP A 403 -16.10 16.94 22.73
C ASP A 403 -16.09 15.45 23.00
N GLY A 404 -14.92 14.84 22.87
CA GLY A 404 -14.77 13.45 23.23
C GLY A 404 -15.14 12.45 22.15
N VAL A 405 -15.43 12.91 20.94
CA VAL A 405 -15.84 11.98 19.88
C VAL A 405 -14.69 11.04 19.55
N ARG A 406 -15.01 9.76 19.39
CA ARG A 406 -14.02 8.73 19.12
C ARG A 406 -13.99 8.42 17.63
N LEU A 407 -12.77 8.37 17.08
CA LEU A 407 -12.61 7.94 15.69
C LEU A 407 -13.24 6.57 15.47
N GLN A 408 -13.12 5.68 16.47
CA GLN A 408 -13.73 4.35 16.36
C GLN A 408 -15.23 4.44 16.09
N ASP A 409 -15.90 5.42 16.69
CA ASP A 409 -17.33 5.59 16.44
C ASP A 409 -17.57 6.30 15.11
N GLU A 410 -16.77 7.33 14.81
CA GLU A 410 -16.93 8.07 13.56
C GLU A 410 -16.76 7.15 12.35
N TRP A 411 -15.88 6.17 12.46
CA TRP A 411 -15.55 5.28 11.34
C TRP A 411 -16.20 3.91 11.48
N SER A 412 -17.25 3.82 12.30
CA SER A 412 -17.89 2.55 12.60
C SER A 412 -18.47 1.89 11.34
N ASP A 413 -18.91 2.69 10.37
CA ASP A 413 -19.49 2.19 9.13
C ASP A 413 -18.56 2.38 7.94
N GLY A 414 -17.27 2.55 8.20
CA GLY A 414 -16.33 2.86 7.14
C GLY A 414 -15.70 4.20 7.42
N PRO A 415 -14.55 4.45 6.80
CA PRO A 415 -13.86 5.72 7.06
C PRO A 415 -14.59 6.88 6.40
N HIS A 416 -14.39 8.05 6.98
CA HIS A 416 -14.80 9.32 6.37
C HIS A 416 -13.66 10.30 6.59
N ALA A 417 -13.18 10.90 5.51
CA ALA A 417 -12.10 11.85 5.62
C ALA A 417 -12.13 12.78 4.41
N TYR A 418 -11.51 13.94 4.57
CA TYR A 418 -11.44 14.97 3.54
C TYR A 418 -10.11 14.84 2.81
N ALA A 419 -10.15 14.47 1.53
CA ALA A 419 -8.99 14.53 0.63
C ALA A 419 -7.86 13.61 1.07
N GLY A 420 -8.15 12.61 1.89
CA GLY A 420 -7.10 11.78 2.44
C GLY A 420 -6.15 12.49 3.38
N MET A 421 -6.52 13.66 3.89
CA MET A 421 -5.59 14.34 4.77
C MET A 421 -6.16 14.92 6.05
N SER A 422 -7.47 15.06 6.21
CA SER A 422 -8.00 15.60 7.46
C SER A 422 -9.33 14.95 7.77
N ILE A 423 -9.80 15.13 9.01
CA ILE A 423 -11.01 14.44 9.49
C ILE A 423 -11.83 15.44 10.29
N ALA A 424 -13.11 15.58 9.94
CA ALA A 424 -13.98 16.48 10.68
C ALA A 424 -14.07 16.03 12.13
N ASN A 425 -14.07 17.00 13.05
CA ASN A 425 -14.15 16.83 14.50
C ASN A 425 -12.82 16.43 15.14
N PHE A 426 -11.73 16.38 14.37
CA PHE A 426 -10.40 16.07 14.91
C PHE A 426 -9.45 17.18 14.48
N PRO A 427 -9.50 18.32 15.16
CA PRO A 427 -8.68 19.47 14.73
C PRO A 427 -7.20 19.16 14.80
N ASN A 428 -6.45 19.77 13.89
CA ASN A 428 -4.99 19.73 13.90
C ASN A 428 -4.43 18.32 13.76
N LEU A 429 -5.24 17.41 13.23
CA LEU A 429 -4.83 16.05 12.92
C LEU A 429 -4.79 15.92 11.41
N LEU A 430 -3.61 15.69 10.87
CA LEU A 430 -3.41 15.63 9.42
C LEU A 430 -2.83 14.26 9.08
N MET A 431 -3.37 13.64 8.03
CA MET A 431 -2.88 12.34 7.60
C MET A 431 -1.98 12.49 6.38
N VAL A 432 -1.02 11.60 6.25
CA VAL A 432 -0.27 11.43 5.01
C VAL A 432 -0.86 10.22 4.29
N PHE A 433 -1.49 10.47 3.15
CA PHE A 433 -2.05 9.40 2.31
C PHE A 433 -3.05 8.56 3.10
N GLY A 434 -3.98 9.23 3.75
CA GLY A 434 -5.03 8.53 4.45
C GLY A 434 -6.12 8.05 3.50
N PRO A 435 -7.14 7.42 4.07
CA PRO A 435 -8.30 7.00 3.28
C PRO A 435 -8.84 8.14 2.42
N PHE A 436 -9.26 7.80 1.20
CA PHE A 436 -9.82 8.71 0.19
C PHE A 436 -8.75 9.55 -0.49
N SER A 437 -7.50 9.11 -0.39
CA SER A 437 -6.42 9.55 -1.26
C SER A 437 -6.58 8.93 -2.65
N PRO A 438 -5.86 9.42 -3.64
CA PRO A 438 -5.88 8.79 -4.97
C PRO A 438 -5.15 7.45 -4.96
N PHE A 439 -5.53 6.59 -5.91
CA PHE A 439 -4.97 5.25 -6.01
C PHE A 439 -3.76 5.32 -6.92
N THR A 440 -2.58 5.55 -6.31
CA THR A 440 -1.38 5.96 -7.03
C THR A 440 -0.18 5.28 -6.39
N SER A 441 0.96 5.33 -7.09
CA SER A 441 2.19 5.05 -6.37
C SER A 441 2.36 6.09 -5.26
N GLN A 442 3.10 5.73 -4.22
CA GLN A 442 2.91 6.56 -3.04
C GLN A 442 4.00 7.62 -2.81
N PRO A 443 5.29 7.35 -2.95
CA PRO A 443 6.29 8.36 -2.52
C PRO A 443 6.10 9.75 -3.11
N LEU A 444 5.95 9.88 -4.43
CA LEU A 444 5.81 11.22 -5.00
C LEU A 444 4.49 11.87 -4.60
N VAL A 445 3.45 11.07 -4.36
CA VAL A 445 2.17 11.64 -3.94
C VAL A 445 2.20 12.00 -2.46
N HIS A 446 2.84 11.17 -1.63
CA HIS A 446 3.11 11.58 -0.25
C HIS A 446 3.77 12.95 -0.19
N GLU A 447 4.78 13.17 -1.03
CA GLU A 447 5.46 14.46 -1.02
C GLU A 447 4.50 15.60 -1.30
N TRP A 448 3.67 15.42 -2.33
CA TRP A 448 2.71 16.47 -2.71
C TRP A 448 1.74 16.74 -1.56
N GLN A 449 1.22 15.67 -0.94
CA GLN A 449 0.30 15.85 0.18
C GLN A 449 0.98 16.49 1.38
N VAL A 450 2.19 16.03 1.71
CA VAL A 450 2.91 16.63 2.84
C VAL A 450 3.14 18.12 2.60
N LYS A 451 3.54 18.49 1.39
CA LYS A 451 3.72 19.91 1.09
C LYS A 451 2.40 20.66 1.27
N PHE A 452 1.29 20.07 0.83
CA PHE A 452 0.00 20.74 0.98
C PHE A 452 -0.36 20.92 2.45
N LEU A 453 -0.25 19.86 3.25
CA LEU A 453 -0.71 19.97 4.63
C LEU A 453 0.26 20.77 5.51
N THR A 454 1.56 20.72 5.24
CA THR A 454 2.47 21.53 6.05
C THR A 454 2.35 23.00 5.70
N ASN A 455 1.96 23.33 4.47
CA ASN A 455 1.66 24.72 4.18
C ASN A 455 0.44 25.20 4.94
N MET A 456 -0.56 24.32 5.14
CA MET A 456 -1.69 24.68 6.00
C MET A 456 -1.26 24.89 7.44
N ILE A 457 -0.37 24.02 7.95
CA ILE A 457 0.15 24.21 9.30
C ILE A 457 0.84 25.56 9.43
N GLN A 458 1.70 25.88 8.46
CA GLN A 458 2.44 27.13 8.55
C GLN A 458 1.49 28.32 8.52
N THR A 459 0.44 28.24 7.70
CA THR A 459 -0.57 29.29 7.68
C THR A 459 -1.28 29.38 9.02
N ALA A 460 -1.69 28.24 9.58
CA ALA A 460 -2.35 28.24 10.89
C ALA A 460 -1.45 28.85 11.96
N GLU A 461 -0.15 28.58 11.90
CA GLU A 461 0.78 29.08 12.90
C GLU A 461 0.95 30.60 12.84
N GLU A 462 0.56 31.23 11.74
CA GLU A 462 0.60 32.69 11.69
C GLU A 462 -0.48 33.32 12.54
N GLY A 463 -1.52 32.57 12.89
CA GLY A 463 -2.59 33.08 13.73
C GLY A 463 -2.91 32.18 14.91
N GLU A 464 -4.12 31.61 14.92
CA GLU A 464 -4.59 30.87 16.08
C GLU A 464 -3.99 29.47 16.18
N GLY A 465 -3.46 28.93 15.09
CA GLY A 465 -2.93 27.58 15.13
C GLY A 465 -3.99 26.50 15.20
N LEU A 466 -5.05 26.64 14.42
CA LEU A 466 -6.16 25.70 14.46
C LEU A 466 -6.57 25.36 13.03
N ILE A 467 -6.58 24.07 12.70
CA ILE A 467 -7.04 23.59 11.40
C ILE A 467 -8.24 22.69 11.65
N GLU A 468 -9.43 23.15 11.25
CA GLU A 468 -10.63 22.34 11.38
C GLU A 468 -11.17 22.03 9.98
N THR A 469 -11.77 20.86 9.83
CA THR A 469 -12.34 20.50 8.53
C THR A 469 -13.85 20.35 8.65
N SER A 470 -14.53 20.85 7.62
CA SER A 470 -15.98 20.87 7.59
C SER A 470 -16.55 19.47 7.39
N ARG A 471 -17.57 19.12 8.16
CA ARG A 471 -18.27 17.86 7.97
C ARG A 471 -18.83 17.76 6.55
N GLU A 472 -19.46 18.83 6.06
CA GLU A 472 -20.07 18.81 4.74
C GLU A 472 -19.02 18.59 3.65
N ALA A 473 -17.88 19.25 3.76
CA ALA A 473 -16.81 19.05 2.78
C ALA A 473 -16.33 17.60 2.82
N GLN A 474 -16.18 17.04 4.02
CA GLN A 474 -15.75 15.66 4.14
C GLN A 474 -16.73 14.71 3.48
N GLU A 475 -18.03 14.85 3.80
CA GLU A 475 -19.02 13.95 3.23
C GLU A 475 -19.12 14.09 1.72
N GLU A 476 -18.95 15.32 1.19
CA GLU A 476 -18.97 15.47 -0.26
C GLU A 476 -17.76 14.80 -0.91
N TRP A 477 -16.60 14.87 -0.25
CA TRP A 477 -15.41 14.18 -0.77
C TRP A 477 -15.64 12.68 -0.78
N VAL A 478 -16.14 12.14 0.33
CA VAL A 478 -16.45 10.71 0.40
C VAL A 478 -17.43 10.34 -0.70
N ARG A 479 -18.45 11.17 -0.91
CA ARG A 479 -19.45 10.89 -1.93
C ARG A 479 -18.82 10.83 -3.33
N VAL A 480 -17.90 11.76 -3.62
CA VAL A 480 -17.22 11.73 -4.91
C VAL A 480 -16.42 10.44 -5.09
N CYS A 481 -15.78 9.98 -4.02
CA CYS A 481 -15.04 8.73 -4.09
C CYS A 481 -15.98 7.54 -4.29
N GLN A 482 -17.12 7.54 -3.61
CA GLN A 482 -18.09 6.46 -3.82
C GLN A 482 -18.60 6.46 -5.25
N GLU A 483 -18.93 7.63 -5.78
CA GLU A 483 -19.46 7.71 -7.14
C GLU A 483 -18.41 7.23 -8.14
N GLY A 484 -17.16 7.60 -7.93
CA GLY A 484 -16.12 7.19 -8.86
C GLY A 484 -15.92 5.69 -8.87
N MET A 485 -15.89 5.07 -7.69
CA MET A 485 -15.79 3.62 -7.61
C MET A 485 -16.98 2.95 -8.27
N ALA A 486 -18.17 3.51 -8.09
CA ALA A 486 -19.39 2.85 -8.54
C ALA A 486 -19.48 2.74 -10.05
N GLY A 487 -18.68 3.52 -10.78
CA GLY A 487 -18.64 3.40 -12.22
C GLY A 487 -17.59 2.45 -12.73
N THR A 488 -16.96 1.66 -11.87
CA THR A 488 -15.92 0.73 -12.29
C THR A 488 -16.26 -0.68 -11.81
N LEU A 489 -15.55 -1.66 -12.37
CA LEU A 489 -15.70 -3.03 -11.92
C LEU A 489 -15.11 -3.27 -10.54
N PHE A 490 -14.35 -2.32 -9.97
CA PHE A 490 -13.91 -2.47 -8.59
C PHE A 490 -15.11 -2.46 -7.65
N GLU A 491 -16.20 -1.83 -8.08
CA GLU A 491 -17.41 -1.79 -7.26
C GLU A 491 -17.97 -3.18 -7.02
N VAL A 492 -17.87 -4.07 -8.01
CA VAL A 492 -18.50 -5.39 -7.93
C VAL A 492 -17.46 -6.49 -7.78
N THR A 493 -16.22 -6.15 -7.43
CA THR A 493 -15.15 -7.11 -7.23
C THR A 493 -14.59 -6.93 -5.82
N ASP A 494 -14.88 -7.89 -4.95
CA ASP A 494 -14.42 -7.84 -3.57
C ASP A 494 -12.90 -8.03 -3.50
N SER A 495 -12.24 -7.18 -2.73
CA SER A 495 -10.83 -7.37 -2.40
C SER A 495 -10.51 -6.45 -1.22
N TRP A 496 -9.24 -6.42 -0.82
CA TRP A 496 -8.87 -5.54 0.28
C TRP A 496 -9.20 -4.08 -0.01
N ILE A 497 -9.29 -3.71 -1.29
CA ILE A 497 -9.51 -2.32 -1.70
C ILE A 497 -10.82 -1.77 -1.15
N ASN A 498 -11.86 -2.61 -1.05
CA ASN A 498 -13.12 -2.17 -0.48
C ASN A 498 -13.43 -2.85 0.85
N GLY A 499 -12.42 -3.42 1.51
CA GLY A 499 -12.60 -3.96 2.84
C GLY A 499 -13.14 -5.37 2.91
N ALA A 500 -13.38 -6.02 1.77
CA ALA A 500 -14.10 -7.28 1.77
C ALA A 500 -13.28 -8.43 2.34
N ASN A 501 -11.98 -8.26 2.53
CA ASN A 501 -11.11 -9.35 2.97
C ASN A 501 -11.13 -9.55 4.48
N ILE A 502 -11.71 -8.63 5.25
CA ILE A 502 -11.71 -8.69 6.70
C ILE A 502 -13.12 -9.06 7.15
N PRO A 503 -13.32 -10.21 7.78
CA PRO A 503 -14.66 -10.57 8.27
C PRO A 503 -15.22 -9.47 9.17
N GLY A 504 -16.44 -9.01 8.85
CA GLY A 504 -17.13 -8.00 9.64
C GLY A 504 -16.86 -6.57 9.24
N LYS A 505 -15.88 -6.32 8.41
CA LYS A 505 -15.46 -4.97 8.08
C LYS A 505 -16.43 -4.34 7.08
N PRO A 506 -16.78 -3.06 7.26
CA PRO A 506 -17.67 -2.40 6.29
C PRO A 506 -17.08 -2.47 4.90
N ARG A 507 -17.90 -2.89 3.94
CA ARG A 507 -17.45 -3.00 2.55
C ARG A 507 -17.89 -1.74 1.81
N THR A 508 -16.93 -0.93 1.39
CA THR A 508 -17.29 0.39 0.88
C THR A 508 -16.10 1.00 0.17
N SER A 509 -16.37 2.02 -0.64
CA SER A 509 -15.29 2.71 -1.34
C SER A 509 -14.43 3.50 -0.36
N MET A 510 -13.12 3.44 -0.55
CA MET A 510 -12.21 4.13 0.35
C MET A 510 -11.10 4.86 -0.41
N TRP A 511 -11.28 5.07 -1.71
CA TRP A 511 -10.26 5.66 -2.57
C TRP A 511 -10.85 6.74 -3.46
N PHE A 512 -10.08 7.78 -3.72
CA PHE A 512 -10.38 8.71 -4.80
C PHE A 512 -10.01 8.07 -6.13
N MET A 513 -10.92 8.07 -7.09
CA MET A 513 -10.72 7.29 -8.31
C MET A 513 -10.37 8.14 -9.53
N GLY A 514 -10.19 9.45 -9.36
CA GLY A 514 -9.90 10.31 -10.48
C GLY A 514 -8.45 10.46 -10.87
N GLY A 515 -7.54 9.77 -10.17
CA GLY A 515 -6.13 9.85 -10.49
C GLY A 515 -5.47 11.09 -9.89
N MET A 516 -4.13 11.06 -9.86
CA MET A 516 -3.39 12.14 -9.22
C MET A 516 -3.58 13.47 -9.95
N GLY A 517 -3.58 13.45 -11.29
CA GLY A 517 -3.89 14.67 -12.02
C GLY A 517 -5.21 15.29 -11.60
N GLY A 518 -6.26 14.46 -11.50
CA GLY A 518 -7.55 14.98 -11.09
C GLY A 518 -7.58 15.39 -9.63
N TYR A 519 -6.87 14.66 -8.79
CA TYR A 519 -6.75 14.99 -7.37
C TYR A 519 -6.10 16.35 -7.18
N MET A 520 -4.97 16.59 -7.85
CA MET A 520 -4.31 17.88 -7.70
C MET A 520 -5.19 19.01 -8.21
N GLU A 521 -5.89 18.79 -9.32
CA GLU A 521 -6.78 19.82 -9.83
C GLU A 521 -7.84 20.18 -8.80
N LYS A 522 -8.44 19.17 -8.16
CA LYS A 522 -9.44 19.42 -7.13
C LYS A 522 -8.81 20.12 -5.93
N MET A 523 -7.66 19.64 -5.47
CA MET A 523 -7.02 20.22 -4.30
C MET A 523 -6.55 21.65 -4.57
N ASN A 524 -6.09 21.92 -5.79
CA ASN A 524 -5.65 23.28 -6.08
C ASN A 524 -6.83 24.23 -6.15
N GLU A 525 -7.98 23.76 -6.65
CA GLU A 525 -9.20 24.57 -6.62
C GLU A 525 -9.64 24.84 -5.20
N ILE A 526 -9.53 23.84 -4.33
CA ILE A 526 -9.88 24.03 -2.92
C ILE A 526 -8.95 25.05 -2.28
N LYS A 527 -7.65 24.92 -2.53
CA LYS A 527 -6.70 25.86 -1.97
C LYS A 527 -6.97 27.27 -2.46
N ALA A 528 -7.24 27.41 -3.77
CA ALA A 528 -7.45 28.74 -4.34
C ALA A 528 -8.70 29.40 -3.77
N ASP A 529 -9.73 28.61 -3.46
CA ASP A 529 -10.95 29.13 -2.87
C ASP A 529 -10.83 29.26 -1.35
N ASN A 530 -9.74 29.90 -0.91
CA ASN A 530 -9.45 30.13 0.51
C ASN A 530 -9.57 28.83 1.31
N TYR A 531 -8.92 27.78 0.81
CA TYR A 531 -8.88 26.49 1.49
C TYR A 531 -10.29 26.01 1.84
N ARG A 532 -11.12 25.90 0.79
CA ARG A 532 -12.51 25.51 0.97
C ARG A 532 -12.61 24.16 1.70
N GLY A 533 -13.53 24.10 2.66
CA GLY A 533 -13.70 22.92 3.48
C GLY A 533 -12.76 22.85 4.67
N PHE A 534 -11.74 23.69 4.73
CA PHE A 534 -10.90 23.84 5.91
C PHE A 534 -11.21 25.17 6.56
N SER A 535 -11.11 25.20 7.89
CA SER A 535 -11.13 26.46 8.62
C SER A 535 -9.75 26.60 9.24
N ILE A 536 -8.94 27.49 8.69
CA ILE A 536 -7.60 27.71 9.20
C ILE A 536 -7.54 29.05 9.90
#